data_9RTL
#
_entry.id   9RTL
#
_cell.length_a   71.810
_cell.length_b   71.810
_cell.length_c   146.160
_cell.angle_alpha   90.000
_cell.angle_beta   90.000
_cell.angle_gamma   120.000
#
_symmetry.space_group_name_H-M   'P 65'
#
loop_
_entity.id
_entity.type
_entity.pdbx_description
1 polymer 'AraC effector-binding domain-containing protein'
2 non-polymer [9-(2-carboxyphenyl)-6-(dimethylamino)xanthen-3-ylidene]-dimethyl-azanium
3 non-polymer GLYCEROL
4 water water
#
_entity_poly.entity_id   1
_entity_poly.type   'polypeptide(L)'
_entity_poly.pdbx_seq_one_letter_code
;MDFECQFVCELKELAPVPALLIRTQTTMSELGSLFEAGYHDILQLLAGQGKSPSGPPFARYFGMSAGTFEVEFGFPVEGG
VEGSGRVVTGLTPSGKAASSLYIGPYGEIEAVYDALMKWVDDNGFDLSGEAYEIYLDAPAETAPDQLRTRVSLMLHESLE
;
_entity_poly.pdbx_strand_id   A,B
#
loop_
_chem_comp.id
_chem_comp.type
_chem_comp.name
_chem_comp.formula
A1EI4 non-polymer [9-(2-carboxyphenyl)-6-(dimethylamino)xanthen-3-ylidene]-dimethyl-azanium 'C24 H23 N2 O3 1'
GOL non-polymer GLYCEROL 'C3 H8 O3'
#
# COMPACT_ATOMS: atom_id res chain seq x y z
N PHE A 3 -23.77 17.23 -1.17
CA PHE A 3 -22.57 17.88 -0.64
C PHE A 3 -22.12 18.93 -1.64
N GLU A 4 -21.82 20.14 -1.19
CA GLU A 4 -21.32 21.18 -2.10
C GLU A 4 -19.82 21.36 -1.91
N CYS A 5 -19.08 21.40 -3.05
CA CYS A 5 -17.63 21.57 -3.05
C CYS A 5 -17.17 23.00 -3.22
N GLN A 6 -18.10 23.93 -3.48
CA GLN A 6 -17.85 25.36 -3.67
C GLN A 6 -16.72 25.94 -2.82
N PHE A 7 -16.76 25.65 -1.51
CA PHE A 7 -15.96 26.40 -0.54
C PHE A 7 -14.99 25.55 0.26
N VAL A 8 -15.29 24.28 0.53
CA VAL A 8 -14.40 23.54 1.42
C VAL A 8 -13.49 22.51 0.72
N CYS A 9 -13.64 22.27 -0.57
CA CYS A 9 -12.80 21.28 -1.23
C CYS A 9 -11.49 21.92 -1.64
N GLU A 10 -10.41 21.17 -1.49
CA GLU A 10 -9.10 21.74 -1.73
C GLU A 10 -8.19 20.66 -2.27
N LEU A 11 -7.06 21.08 -2.82
CA LEU A 11 -6.00 20.14 -3.15
C LEU A 11 -4.99 20.18 -2.00
N LYS A 12 -4.65 19.00 -1.47
CA LYS A 12 -3.67 18.91 -0.39
C LYS A 12 -2.46 18.16 -0.90
N GLU A 13 -1.28 18.61 -0.47
CA GLU A 13 -0.03 17.89 -0.65
C GLU A 13 0.18 17.08 0.61
N LEU A 14 0.13 15.77 0.48
CA LEU A 14 0.18 14.91 1.64
C LEU A 14 1.61 14.54 1.93
N ALA A 15 2.01 14.71 3.20
CA ALA A 15 3.34 14.34 3.67
C ALA A 15 3.29 12.95 4.27
N PRO A 16 4.04 11.98 3.75
CA PRO A 16 4.02 10.63 4.35
C PRO A 16 4.70 10.63 5.71
N VAL A 17 4.04 10.01 6.69
CA VAL A 17 4.63 9.84 8.02
C VAL A 17 4.50 8.39 8.41
N PRO A 18 5.26 7.93 9.40
CA PRO A 18 5.19 6.51 9.80
C PRO A 18 3.79 6.11 10.29
N ALA A 19 3.43 4.87 9.99
CA ALA A 19 2.14 4.31 10.36
C ALA A 19 2.31 2.84 10.70
N LEU A 20 1.43 2.32 11.56
CA LEU A 20 1.23 0.87 11.72
C LEU A 20 -0.04 0.53 10.98
N LEU A 21 0.02 -0.46 10.08
CA LEU A 21 -1.06 -0.76 9.15
C LEU A 21 -1.41 -2.24 9.15
N ILE A 22 -2.65 -2.54 8.83
CA ILE A 22 -3.05 -3.87 8.35
C ILE A 22 -3.41 -3.74 6.88
N ARG A 23 -2.87 -4.64 6.05
CA ARG A 23 -3.08 -4.57 4.61
C ARG A 23 -3.76 -5.85 4.18
N THR A 24 -5.01 -5.72 3.80
CA THR A 24 -5.82 -6.92 3.60
C THR A 24 -6.89 -6.69 2.56
N GLN A 25 -8.00 -7.43 2.62
CA GLN A 25 -9.11 -7.21 1.70
C GLN A 25 -10.40 -7.50 2.47
N THR A 26 -11.51 -6.93 2.01
CA THR A 26 -12.75 -7.04 2.78
C THR A 26 -13.95 -6.85 1.84
N THR A 27 -15.15 -7.00 2.39
CA THR A 27 -16.37 -6.54 1.71
C THR A 27 -16.99 -5.40 2.51
N MET A 28 -17.93 -4.67 1.88
CA MET A 28 -18.60 -3.59 2.62
C MET A 28 -19.36 -4.13 3.83
N SER A 29 -19.92 -5.35 3.73
CA SER A 29 -20.65 -5.94 4.87
C SER A 29 -19.72 -6.19 6.05
N GLU A 30 -18.49 -6.65 5.79
CA GLU A 30 -17.60 -7.04 6.86
C GLU A 30 -16.65 -5.92 7.28
N LEU A 31 -16.62 -4.79 6.56
CA LEU A 31 -15.66 -3.73 6.87
C LEU A 31 -15.73 -3.26 8.32
N GLY A 32 -16.95 -2.98 8.83
CA GLY A 32 -17.05 -2.50 10.20
C GLY A 32 -16.40 -3.43 11.22
N SER A 33 -16.70 -4.73 11.12
CA SER A 33 -16.14 -5.72 12.04
C SER A 33 -14.63 -5.84 11.86
N LEU A 34 -14.18 -5.80 10.62
CA LEU A 34 -12.74 -5.78 10.33
C LEU A 34 -12.05 -4.62 11.03
N PHE A 35 -12.57 -3.40 10.87
CA PHE A 35 -11.91 -2.22 11.45
C PHE A 35 -11.93 -2.22 12.97
N GLU A 36 -13.07 -2.60 13.59
CA GLU A 36 -13.07 -2.71 15.06
C GLU A 36 -12.00 -3.67 15.54
N ALA A 37 -11.92 -4.84 14.92
CA ALA A 37 -10.93 -5.85 15.29
C ALA A 37 -9.50 -5.35 15.06
N GLY A 38 -9.22 -4.86 13.87
CA GLY A 38 -7.84 -4.52 13.54
C GLY A 38 -7.36 -3.25 14.22
N TYR A 39 -8.24 -2.23 14.34
CA TYR A 39 -7.83 -1.05 15.08
C TYR A 39 -7.59 -1.38 16.54
N HIS A 40 -8.47 -2.19 17.14
CA HIS A 40 -8.17 -2.69 18.48
C HIS A 40 -6.78 -3.33 18.54
N ASP A 41 -6.50 -4.23 17.60
CA ASP A 41 -5.23 -4.94 17.61
C ASP A 41 -4.06 -3.99 17.44
N ILE A 42 -4.16 -3.02 16.53
CA ILE A 42 -3.06 -2.07 16.37
C ILE A 42 -2.84 -1.30 17.67
N LEU A 43 -3.91 -0.82 18.29
CA LEU A 43 -3.75 -0.15 19.56
C LEU A 43 -3.10 -1.05 20.60
N GLN A 44 -3.43 -2.36 20.57
CA GLN A 44 -2.80 -3.28 21.52
C GLN A 44 -1.32 -3.48 21.21
N LEU A 45 -0.95 -3.61 19.94
CA LEU A 45 0.46 -3.71 19.63
C LEU A 45 1.20 -2.46 20.06
N LEU A 46 0.55 -1.28 19.98
CA LEU A 46 1.20 -0.04 20.40
C LEU A 46 1.39 -0.02 21.91
N ALA A 47 0.29 -0.19 22.65
CA ALA A 47 0.37 -0.44 24.10
C ALA A 47 1.44 -1.47 24.44
N GLY A 48 1.48 -2.58 23.67
CA GLY A 48 2.48 -3.64 23.76
C GLY A 48 3.93 -3.21 23.73
N GLN A 49 4.19 -1.99 23.21
CA GLN A 49 5.50 -1.33 23.24
C GLN A 49 5.49 -0.05 24.07
N GLY A 50 4.48 0.18 24.89
CA GLY A 50 4.42 1.43 25.65
C GLY A 50 4.40 2.66 24.78
N LYS A 51 3.56 2.67 23.73
CA LYS A 51 3.43 3.76 22.77
C LYS A 51 1.96 4.02 22.46
N SER A 52 1.67 5.20 21.93
CA SER A 52 0.34 5.66 21.56
C SER A 52 0.35 6.07 20.09
N PRO A 53 -0.82 6.11 19.43
CA PRO A 53 -0.88 6.73 18.08
C PRO A 53 -0.47 8.19 18.12
N SER A 54 -0.02 8.70 16.97
CA SER A 54 0.28 10.11 16.85
C SER A 54 -0.81 10.91 16.15
N GLY A 55 -1.93 10.27 15.76
CA GLY A 55 -3.04 10.99 15.19
C GLY A 55 -4.18 10.01 14.96
N PRO A 56 -5.25 10.46 14.31
CA PRO A 56 -6.43 9.60 14.13
C PRO A 56 -6.17 8.51 13.11
N PRO A 57 -6.92 7.41 13.17
CA PRO A 57 -6.70 6.31 12.22
C PRO A 57 -7.24 6.67 10.83
N PHE A 58 -6.86 5.84 9.86
CA PHE A 58 -7.20 6.09 8.47
C PHE A 58 -7.39 4.75 7.73
N ALA A 59 -7.90 4.84 6.50
CA ALA A 59 -7.96 3.70 5.61
C ALA A 59 -7.75 4.19 4.18
N ARG A 60 -7.20 3.30 3.35
CA ARG A 60 -7.01 3.51 1.94
C ARG A 60 -7.74 2.42 1.17
N TYR A 61 -8.33 2.79 0.04
CA TYR A 61 -9.25 1.95 -0.69
C TYR A 61 -8.97 2.07 -2.18
N PHE A 62 -9.20 0.98 -2.89
CA PHE A 62 -9.13 0.99 -4.33
C PHE A 62 -10.11 -0.05 -4.83
N GLY A 63 -10.83 0.27 -5.90
CA GLY A 63 -11.74 -0.73 -6.44
C GLY A 63 -12.93 -1.05 -5.54
N MET A 64 -13.41 -0.08 -4.75
CA MET A 64 -14.44 -0.31 -3.75
C MET A 64 -15.76 -0.79 -4.36
N SER A 65 -15.91 -0.73 -5.69
CA SER A 65 -17.11 -1.27 -6.31
C SER A 65 -17.18 -2.79 -6.16
N ALA A 66 -16.09 -3.49 -6.49
CA ALA A 66 -16.02 -4.95 -6.40
C ALA A 66 -16.67 -5.44 -5.12
N GLY A 67 -17.14 -6.69 -5.14
CA GLY A 67 -17.63 -7.26 -3.91
C GLY A 67 -16.53 -7.29 -2.86
N THR A 68 -15.39 -7.82 -3.24
CA THR A 68 -14.21 -7.88 -2.37
C THR A 68 -13.16 -6.90 -2.87
N PHE A 69 -12.66 -6.05 -1.97
CA PHE A 69 -11.74 -5.01 -2.39
C PHE A 69 -10.59 -4.89 -1.40
N GLU A 70 -9.46 -4.40 -1.88
CA GLU A 70 -8.32 -4.19 -1.02
C GLU A 70 -8.58 -3.05 -0.05
N VAL A 71 -8.04 -3.18 1.16
CA VAL A 71 -8.05 -2.07 2.11
C VAL A 71 -6.77 -2.10 2.92
N GLU A 72 -6.20 -0.92 3.16
CA GLU A 72 -5.09 -0.77 4.08
C GLU A 72 -5.54 0.20 5.16
N PHE A 73 -5.38 -0.16 6.44
CA PHE A 73 -5.91 0.73 7.46
C PHE A 73 -5.04 0.67 8.70
N GLY A 74 -4.98 1.78 9.42
CA GLY A 74 -4.09 1.81 10.57
C GLY A 74 -4.03 3.19 11.18
N PHE A 75 -2.95 3.43 11.91
CA PHE A 75 -2.76 4.64 12.70
C PHE A 75 -1.40 5.23 12.38
N PRO A 76 -1.29 6.55 12.29
CA PRO A 76 0.04 7.18 12.28
C PRO A 76 0.69 7.00 13.63
N VAL A 77 2.01 6.81 13.65
CA VAL A 77 2.73 6.52 14.89
C VAL A 77 4.08 7.24 14.87
N GLU A 78 4.70 7.36 16.04
CA GLU A 78 6.11 7.78 16.06
C GLU A 78 7.00 6.76 15.37
N GLY A 79 8.11 7.24 14.80
CA GLY A 79 9.15 6.33 14.36
C GLY A 79 9.68 5.50 15.52
N GLY A 80 10.36 4.42 15.19
CA GLY A 80 10.86 3.51 16.21
C GLY A 80 9.81 2.58 16.77
N VAL A 81 8.63 2.55 16.19
CA VAL A 81 7.60 1.57 16.52
C VAL A 81 7.81 0.39 15.61
N GLU A 82 7.64 -0.82 16.14
CA GLU A 82 7.74 -2.01 15.31
C GLU A 82 6.39 -2.71 15.20
N GLY A 83 6.23 -3.48 14.13
CA GLY A 83 5.02 -4.26 13.92
C GLY A 83 5.22 -5.70 14.39
N SER A 84 4.12 -6.46 14.34
CA SER A 84 4.20 -7.91 14.50
C SER A 84 2.98 -8.54 13.84
N GLY A 85 3.12 -9.84 13.53
CA GLY A 85 2.11 -10.52 12.73
C GLY A 85 1.82 -9.82 11.41
N ARG A 86 0.53 -9.54 11.17
CA ARG A 86 0.12 -8.86 9.97
C ARG A 86 0.09 -7.34 10.13
N VAL A 87 0.40 -6.81 11.31
CA VAL A 87 0.50 -5.37 11.53
C VAL A 87 1.91 -4.93 11.20
N VAL A 88 2.04 -4.04 10.21
CA VAL A 88 3.33 -3.72 9.62
C VAL A 88 3.60 -2.22 9.70
N THR A 89 4.88 -1.88 9.67
CA THR A 89 5.26 -0.47 9.58
C THR A 89 5.24 -0.04 8.13
N GLY A 90 4.68 1.13 7.88
CA GLY A 90 4.60 1.66 6.53
C GLY A 90 4.48 3.17 6.69
N LEU A 91 3.89 3.81 5.68
CA LEU A 91 3.76 5.25 5.67
C LEU A 91 2.32 5.61 5.31
N THR A 92 1.88 6.79 5.76
CA THR A 92 0.65 7.40 5.23
C THR A 92 0.86 7.85 3.80
N PRO A 93 -0.19 8.27 3.10
CA PRO A 93 -0.05 8.54 1.67
C PRO A 93 0.87 9.73 1.40
N SER A 94 1.41 9.74 0.20
CA SER A 94 2.16 10.91 -0.23
C SER A 94 1.64 11.34 -1.59
N GLY A 95 1.73 12.62 -1.86
CA GLY A 95 1.32 13.11 -3.15
C GLY A 95 0.19 14.08 -3.00
N LYS A 96 -0.43 14.39 -4.12
CA LYS A 96 -1.53 15.33 -4.14
C LYS A 96 -2.83 14.56 -4.01
N ALA A 97 -3.81 15.21 -3.36
CA ALA A 97 -5.14 14.64 -3.26
C ALA A 97 -6.17 15.76 -3.28
N ALA A 98 -7.33 15.46 -3.86
CA ALA A 98 -8.52 16.30 -3.76
C ALA A 98 -9.25 15.93 -2.48
N SER A 99 -9.44 16.89 -1.57
CA SER A 99 -9.80 16.53 -0.21
C SER A 99 -10.92 17.41 0.34
N SER A 100 -11.73 16.84 1.22
CA SER A 100 -12.84 17.62 1.81
C SER A 100 -13.17 17.00 3.16
N LEU A 101 -13.48 17.83 4.13
CA LEU A 101 -14.02 17.33 5.38
C LEU A 101 -15.49 17.00 5.19
N TYR A 102 -15.94 15.90 5.80
CA TYR A 102 -17.33 15.43 5.73
C TYR A 102 -17.81 15.25 7.16
N ILE A 103 -19.03 15.72 7.47
CA ILE A 103 -19.57 15.55 8.82
C ILE A 103 -20.90 14.81 8.67
N GLY A 104 -21.02 13.63 9.30
CA GLY A 104 -22.24 12.82 9.17
C GLY A 104 -21.95 11.34 9.25
N PRO A 105 -22.98 10.48 9.12
CA PRO A 105 -22.76 9.03 9.17
C PRO A 105 -22.05 8.50 7.94
N TYR A 106 -21.24 7.44 8.13
CA TYR A 106 -20.52 6.87 6.98
C TYR A 106 -21.49 6.42 5.89
N GLY A 107 -22.70 5.99 6.26
CA GLY A 107 -23.60 5.50 5.23
C GLY A 107 -23.99 6.53 4.21
N GLU A 108 -23.78 7.82 4.49
CA GLU A 108 -24.12 8.87 3.53
C GLU A 108 -22.87 9.52 2.95
N ILE A 109 -21.69 8.91 3.13
CA ILE A 109 -20.46 9.56 2.70
C ILE A 109 -20.32 9.62 1.16
N GLU A 110 -21.07 8.80 0.42
CA GLU A 110 -20.98 8.88 -1.04
C GLU A 110 -21.27 10.29 -1.57
N ALA A 111 -22.03 11.09 -0.80
CA ALA A 111 -22.30 12.48 -1.19
C ALA A 111 -21.01 13.28 -1.38
N VAL A 112 -20.05 13.14 -0.46
CA VAL A 112 -18.78 13.85 -0.58
C VAL A 112 -17.95 13.29 -1.73
N TYR A 113 -18.01 11.98 -1.92
CA TYR A 113 -17.32 11.37 -3.06
C TYR A 113 -17.84 11.94 -4.37
N ASP A 114 -19.17 12.00 -4.53
CA ASP A 114 -19.72 12.58 -5.75
C ASP A 114 -19.24 14.02 -5.93
N ALA A 115 -19.30 14.81 -4.85
CA ALA A 115 -18.90 16.21 -4.93
C ALA A 115 -17.42 16.33 -5.30
N LEU A 116 -16.54 15.54 -4.68
CA LEU A 116 -15.12 15.62 -4.99
C LEU A 116 -14.83 15.19 -6.42
N MET A 117 -15.54 14.16 -6.93
CA MET A 117 -15.24 13.74 -8.30
C MET A 117 -15.72 14.79 -9.30
N LYS A 118 -16.78 15.50 -8.97
CA LYS A 118 -17.22 16.61 -9.84
C LYS A 118 -16.18 17.73 -9.82
N TRP A 119 -15.72 18.11 -8.62
CA TRP A 119 -14.71 19.14 -8.48
C TRP A 119 -13.42 18.77 -9.22
N VAL A 120 -13.01 17.50 -9.14
CA VAL A 120 -11.81 17.06 -9.83
C VAL A 120 -11.98 17.20 -11.35
N ASP A 121 -13.14 16.81 -11.85
CA ASP A 121 -13.42 16.99 -13.27
C ASP A 121 -13.41 18.46 -13.66
N ASP A 122 -14.06 19.32 -12.85
CA ASP A 122 -14.13 20.73 -13.18
C ASP A 122 -12.74 21.37 -13.22
N ASN A 123 -11.80 20.90 -12.43
CA ASN A 123 -10.47 21.50 -12.36
C ASN A 123 -9.43 20.75 -13.20
N GLY A 124 -9.85 19.80 -14.02
CA GLY A 124 -8.94 19.07 -14.89
C GLY A 124 -7.89 18.21 -14.20
N PHE A 125 -8.18 17.73 -12.99
CA PHE A 125 -7.23 16.82 -12.37
C PHE A 125 -7.56 15.38 -12.75
N ASP A 126 -6.57 14.51 -12.54
CA ASP A 126 -6.70 13.10 -12.85
C ASP A 126 -6.55 12.28 -11.56
N LEU A 127 -7.41 11.29 -11.42
CA LEU A 127 -7.47 10.46 -10.24
C LEU A 127 -6.62 9.20 -10.45
N SER A 128 -5.96 8.75 -9.40
CA SER A 128 -5.32 7.43 -9.44
C SER A 128 -6.31 6.28 -9.25
N GLY A 129 -7.49 6.56 -8.70
CA GLY A 129 -8.43 5.54 -8.29
C GLY A 129 -8.37 5.23 -6.81
N GLU A 130 -7.38 5.74 -6.09
CA GLU A 130 -7.24 5.45 -4.67
C GLU A 130 -8.02 6.47 -3.85
N ALA A 131 -8.71 6.01 -2.81
CA ALA A 131 -9.39 6.88 -1.85
C ALA A 131 -8.73 6.77 -0.50
N TYR A 132 -8.72 7.85 0.26
CA TYR A 132 -8.04 7.90 1.54
C TYR A 132 -8.94 8.60 2.52
N GLU A 133 -9.36 7.88 3.56
CA GLU A 133 -10.25 8.43 4.59
C GLU A 133 -9.52 8.52 5.93
N ILE A 134 -9.66 9.64 6.63
CA ILE A 134 -9.14 9.81 7.98
C ILE A 134 -10.31 9.96 8.93
N TYR A 135 -10.36 9.11 9.93
CA TYR A 135 -11.52 9.02 10.86
C TYR A 135 -11.15 9.86 12.06
N LEU A 136 -11.46 11.16 11.97
CA LEU A 136 -11.04 12.10 13.00
C LEU A 136 -11.76 11.87 14.32
N ASP A 137 -12.98 11.32 14.26
CA ASP A 137 -13.75 10.96 15.44
C ASP A 137 -14.04 9.46 15.49
N ALA A 138 -14.09 8.91 16.70
CA ALA A 138 -14.41 7.50 16.85
C ALA A 138 -15.92 7.32 16.70
N PRO A 139 -16.38 6.50 15.74
CA PRO A 139 -17.84 6.42 15.53
C PRO A 139 -18.59 5.81 16.69
N ALA A 140 -17.99 4.95 17.49
CA ALA A 140 -18.75 4.42 18.62
C ALA A 140 -19.11 5.50 19.64
N GLU A 141 -18.32 6.57 19.71
CA GLU A 141 -18.35 7.55 20.79
C GLU A 141 -18.82 8.93 20.34
N THR A 142 -19.27 9.08 19.10
CA THR A 142 -19.57 10.39 18.55
C THR A 142 -20.97 10.40 17.94
N ALA A 143 -21.73 11.48 18.19
CA ALA A 143 -23.02 11.61 17.51
C ALA A 143 -22.84 11.60 15.99
N PRO A 144 -23.73 10.91 15.26
CA PRO A 144 -23.59 10.89 13.80
C PRO A 144 -23.59 12.27 13.17
N ASP A 145 -24.38 13.24 13.69
CA ASP A 145 -24.38 14.59 13.11
C ASP A 145 -23.13 15.39 13.47
N GLN A 146 -22.21 14.80 14.22
CA GLN A 146 -20.93 15.44 14.52
C GLN A 146 -19.75 14.61 14.06
N LEU A 147 -19.98 13.47 13.40
CA LEU A 147 -18.93 12.50 13.07
C LEU A 147 -18.08 13.05 11.92
N ARG A 148 -16.80 13.35 12.18
CA ARG A 148 -15.91 13.92 11.18
C ARG A 148 -15.06 12.86 10.48
N THR A 149 -15.04 12.88 9.16
CA THR A 149 -14.12 12.10 8.32
C THR A 149 -13.52 13.03 7.28
N ARG A 150 -12.19 13.04 7.12
CA ARG A 150 -11.65 13.72 5.95
C ARG A 150 -11.57 12.70 4.82
N VAL A 151 -12.15 13.05 3.68
CA VAL A 151 -12.15 12.19 2.49
C VAL A 151 -11.19 12.80 1.47
N SER A 152 -10.28 11.97 0.93
CA SER A 152 -9.34 12.47 -0.06
C SER A 152 -9.33 11.51 -1.24
N LEU A 153 -9.33 12.02 -2.47
CA LEU A 153 -9.12 11.18 -3.65
C LEU A 153 -7.72 11.45 -4.18
N MET A 154 -6.87 10.41 -4.27
CA MET A 154 -5.49 10.66 -4.66
C MET A 154 -5.41 11.01 -6.14
N LEU A 155 -4.50 11.91 -6.48
CA LEU A 155 -4.41 12.39 -7.84
C LEU A 155 -3.23 11.70 -8.52
N HIS A 156 -3.34 11.54 -9.83
CA HIS A 156 -2.37 10.88 -10.71
C HIS A 156 -1.42 11.93 -11.26
N PHE B 3 28.15 -5.63 -3.12
CA PHE B 3 27.44 -4.66 -3.95
C PHE B 3 27.84 -3.25 -3.51
N GLU B 4 28.17 -2.38 -4.46
CA GLU B 4 28.48 -0.98 -4.18
C GLU B 4 27.37 -0.10 -4.75
N CYS B 5 27.03 0.95 -4.01
CA CYS B 5 25.96 1.88 -4.40
C CYS B 5 26.48 3.21 -4.94
N GLN B 6 27.80 3.39 -5.07
CA GLN B 6 28.29 4.73 -5.38
C GLN B 6 27.80 5.23 -6.74
N PHE B 7 27.57 4.33 -7.70
CA PHE B 7 27.26 4.77 -9.06
C PHE B 7 25.84 4.50 -9.51
N VAL B 8 25.27 3.33 -9.22
CA VAL B 8 24.01 2.97 -9.88
C VAL B 8 22.76 3.14 -9.00
N CYS B 9 22.91 3.27 -7.68
CA CYS B 9 21.75 3.46 -6.82
C CYS B 9 21.18 4.85 -7.02
N GLU B 10 19.86 4.96 -7.00
CA GLU B 10 19.28 6.27 -7.28
C GLU B 10 17.99 6.47 -6.51
N LEU B 11 17.68 7.74 -6.29
CA LEU B 11 16.38 8.08 -5.73
C LEU B 11 15.35 8.09 -6.84
N LYS B 12 14.24 7.40 -6.63
CA LYS B 12 13.16 7.32 -7.61
C LYS B 12 11.88 7.88 -6.96
N GLU B 13 11.06 8.51 -7.78
CA GLU B 13 9.69 8.85 -7.40
C GLU B 13 8.80 7.80 -8.04
N LEU B 14 8.31 6.85 -7.24
CA LEU B 14 7.52 5.78 -7.86
C LEU B 14 6.11 6.27 -8.11
N ALA B 15 5.60 6.02 -9.29
CA ALA B 15 4.22 6.36 -9.55
C ALA B 15 3.37 5.10 -9.53
N PRO B 16 2.24 5.12 -8.86
CA PRO B 16 1.45 3.89 -8.71
C PRO B 16 0.77 3.51 -10.01
N VAL B 17 0.78 2.22 -10.33
CA VAL B 17 -0.03 1.72 -11.44
C VAL B 17 -0.93 0.62 -10.88
N PRO B 18 -2.02 0.32 -11.59
CA PRO B 18 -2.95 -0.71 -11.10
C PRO B 18 -2.38 -2.11 -11.28
N ALA B 19 -2.82 -3.00 -10.40
CA ALA B 19 -2.24 -4.32 -10.32
C ALA B 19 -3.31 -5.28 -9.84
N LEU B 20 -3.07 -6.57 -10.06
CA LEU B 20 -3.85 -7.63 -9.43
C LEU B 20 -2.89 -8.31 -8.46
N LEU B 21 -3.33 -8.53 -7.22
CA LEU B 21 -2.38 -8.88 -6.18
C LEU B 21 -3.03 -9.70 -5.08
N ILE B 22 -2.18 -10.32 -4.29
CA ILE B 22 -2.53 -11.15 -3.12
C ILE B 22 -1.77 -10.59 -1.94
N ARG B 23 -2.43 -10.50 -0.78
CA ARG B 23 -1.76 -10.11 0.48
C ARG B 23 -1.87 -11.25 1.46
N THR B 24 -0.75 -11.64 2.07
CA THR B 24 -0.84 -12.77 3.00
C THR B 24 0.36 -12.77 3.94
N GLN B 25 0.25 -13.55 5.02
CA GLN B 25 1.41 -13.87 5.87
C GLN B 25 2.10 -15.12 5.32
N THR B 26 3.44 -15.15 5.33
CA THR B 26 4.16 -16.31 4.82
C THR B 26 5.49 -16.43 5.57
N THR B 27 6.32 -17.41 5.17
CA THR B 27 7.69 -17.58 5.67
C THR B 27 8.64 -17.72 4.49
N MET B 28 9.95 -17.59 4.75
CA MET B 28 10.90 -17.71 3.66
C MET B 28 10.86 -19.10 3.04
N SER B 29 10.63 -20.13 3.86
CA SER B 29 10.62 -21.48 3.34
C SER B 29 9.40 -21.74 2.49
N GLU B 30 8.29 -21.04 2.74
CA GLU B 30 7.07 -21.21 1.94
C GLU B 30 6.98 -20.25 0.76
N LEU B 31 7.87 -19.26 0.67
CA LEU B 31 7.68 -18.19 -0.29
C LEU B 31 7.68 -18.70 -1.73
N GLY B 32 8.64 -19.58 -2.08
CA GLY B 32 8.73 -20.10 -3.43
C GLY B 32 7.43 -20.75 -3.90
N SER B 33 6.88 -21.67 -3.11
CA SER B 33 5.61 -22.33 -3.47
C SER B 33 4.44 -21.34 -3.48
N LEU B 34 4.44 -20.41 -2.54
CA LEU B 34 3.37 -19.39 -2.50
C LEU B 34 3.35 -18.57 -3.79
N PHE B 35 4.51 -18.06 -4.21
CA PHE B 35 4.57 -17.24 -5.42
C PHE B 35 4.25 -18.04 -6.66
N GLU B 36 4.82 -19.25 -6.78
CA GLU B 36 4.45 -20.10 -7.92
C GLU B 36 2.95 -20.30 -7.99
N ALA B 37 2.31 -20.58 -6.87
CA ALA B 37 0.88 -20.84 -6.93
C ALA B 37 0.12 -19.55 -7.22
N GLY B 38 0.47 -18.49 -6.51
CA GLY B 38 -0.31 -17.26 -6.62
C GLY B 38 -0.10 -16.56 -7.95
N TYR B 39 1.15 -16.47 -8.42
CA TYR B 39 1.37 -15.89 -9.75
C TYR B 39 0.65 -16.68 -10.83
N HIS B 40 0.67 -18.01 -10.75
CA HIS B 40 -0.09 -18.81 -11.71
C HIS B 40 -1.56 -18.44 -11.66
N ASP B 41 -2.13 -18.32 -10.45
CA ASP B 41 -3.55 -18.01 -10.34
C ASP B 41 -3.85 -16.62 -10.86
N ILE B 42 -2.99 -15.65 -10.55
CA ILE B 42 -3.25 -14.31 -11.11
C ILE B 42 -3.20 -14.35 -12.62
N LEU B 43 -2.21 -15.07 -13.20
CA LEU B 43 -2.17 -15.11 -14.66
C LEU B 43 -3.41 -15.77 -15.24
N GLN B 44 -3.91 -16.81 -14.58
CA GLN B 44 -5.13 -17.49 -15.03
C GLN B 44 -6.33 -16.59 -14.95
N LEU B 45 -6.44 -15.82 -13.84
CA LEU B 45 -7.55 -14.89 -13.68
C LEU B 45 -7.54 -13.84 -14.75
N LEU B 46 -6.34 -13.32 -15.09
CA LEU B 46 -6.23 -12.40 -16.23
C LEU B 46 -6.69 -13.05 -17.53
N ALA B 47 -6.16 -14.24 -17.84
CA ALA B 47 -6.57 -14.95 -19.06
C ALA B 47 -8.07 -15.22 -19.06
N GLY B 48 -8.61 -15.53 -17.88
CA GLY B 48 -10.03 -15.75 -17.74
C GLY B 48 -10.88 -14.57 -18.18
N GLN B 49 -10.33 -13.35 -18.08
CA GLN B 49 -10.98 -12.11 -18.52
C GLN B 49 -10.45 -11.59 -19.86
N GLY B 50 -9.65 -12.38 -20.57
CA GLY B 50 -9.12 -11.91 -21.84
C GLY B 50 -8.18 -10.74 -21.67
N LYS B 51 -7.37 -10.76 -20.62
CA LYS B 51 -6.40 -9.71 -20.35
C LYS B 51 -5.03 -10.33 -20.11
N SER B 52 -4.05 -9.46 -20.01
CA SER B 52 -2.65 -9.81 -19.96
C SER B 52 -2.01 -8.90 -18.92
N PRO B 53 -0.91 -9.32 -18.31
CA PRO B 53 -0.14 -8.39 -17.47
C PRO B 53 0.42 -7.25 -18.32
N SER B 54 0.60 -6.11 -17.70
CA SER B 54 1.22 -4.98 -18.37
C SER B 54 2.70 -4.87 -18.06
N GLY B 55 3.25 -5.81 -17.31
CA GLY B 55 4.64 -5.72 -16.95
C GLY B 55 5.00 -6.92 -16.09
N PRO B 56 6.26 -6.98 -15.66
CA PRO B 56 6.73 -8.12 -14.84
C PRO B 56 6.13 -8.06 -13.46
N PRO B 57 6.09 -9.19 -12.75
CA PRO B 57 5.45 -9.23 -11.44
C PRO B 57 6.36 -8.62 -10.38
N PHE B 58 5.78 -8.41 -9.19
CA PHE B 58 6.47 -7.73 -8.11
C PHE B 58 6.07 -8.37 -6.79
N ALA B 59 6.78 -8.01 -5.73
CA ALA B 59 6.36 -8.32 -4.35
C ALA B 59 6.76 -7.17 -3.45
N ARG B 60 5.99 -6.97 -2.38
CA ARG B 60 6.30 -5.99 -1.36
C ARG B 60 6.44 -6.70 -0.04
N TYR B 61 7.45 -6.31 0.72
CA TYR B 61 7.81 -6.97 1.98
C TYR B 61 7.84 -5.93 3.09
N PHE B 62 7.33 -6.33 4.25
CA PHE B 62 7.13 -5.43 5.38
C PHE B 62 7.59 -6.12 6.64
N GLY B 63 8.61 -5.57 7.25
CA GLY B 63 9.24 -6.18 8.40
C GLY B 63 9.67 -7.61 8.15
N MET B 64 10.47 -7.82 7.10
CA MET B 64 10.93 -9.18 6.84
C MET B 64 11.83 -9.60 7.98
N SER B 65 11.76 -10.87 8.33
CA SER B 65 12.40 -11.40 9.51
C SER B 65 12.37 -12.92 9.37
N ALA B 66 13.02 -13.61 10.31
CA ALA B 66 12.79 -15.03 10.40
C ALA B 66 11.37 -15.22 10.91
N GLY B 67 10.85 -16.44 10.79
CA GLY B 67 9.47 -16.65 11.15
C GLY B 67 8.53 -16.13 10.07
N THR B 68 7.36 -15.70 10.49
CA THR B 68 6.37 -15.21 9.52
C THR B 68 6.59 -13.73 9.22
N PHE B 69 6.15 -13.30 8.04
CA PHE B 69 6.18 -11.88 7.68
C PHE B 69 5.04 -11.65 6.69
N GLU B 70 4.70 -10.39 6.49
CA GLU B 70 3.63 -9.99 5.57
C GLU B 70 4.21 -9.85 4.18
N VAL B 71 3.48 -10.29 3.16
CA VAL B 71 3.90 -10.04 1.78
C VAL B 71 2.68 -9.64 0.97
N GLU B 72 2.93 -8.86 -0.08
CA GLU B 72 1.95 -8.59 -1.13
C GLU B 72 2.64 -8.95 -2.44
N PHE B 73 1.99 -9.66 -3.33
CA PHE B 73 2.65 -9.96 -4.60
C PHE B 73 1.61 -9.98 -5.72
N GLY B 74 2.05 -9.63 -6.92
CA GLY B 74 1.10 -9.49 -8.00
C GLY B 74 1.74 -9.10 -9.31
N PHE B 75 0.88 -8.81 -10.29
CA PHE B 75 1.28 -8.31 -11.61
C PHE B 75 0.62 -6.96 -11.87
N PRO B 76 1.32 -6.00 -12.46
CA PRO B 76 0.63 -4.81 -12.96
C PRO B 76 -0.28 -5.20 -14.13
N VAL B 77 -1.39 -4.46 -14.29
CA VAL B 77 -2.40 -4.83 -15.28
C VAL B 77 -2.90 -3.58 -15.97
N GLU B 78 -3.38 -3.76 -17.20
CA GLU B 78 -4.08 -2.74 -17.99
C GLU B 78 -5.41 -2.38 -17.34
N GLY B 79 -6.15 -1.48 -17.98
CA GLY B 79 -7.40 -1.01 -17.41
C GLY B 79 -8.49 -2.07 -17.41
N GLY B 80 -9.45 -1.88 -16.52
CA GLY B 80 -10.70 -2.61 -16.57
C GLY B 80 -10.59 -4.07 -16.19
N VAL B 81 -9.81 -4.38 -15.15
CA VAL B 81 -9.57 -5.74 -14.68
C VAL B 81 -10.34 -5.95 -13.39
N GLU B 82 -10.87 -7.14 -13.18
CA GLU B 82 -11.53 -7.45 -11.93
C GLU B 82 -10.81 -8.60 -11.24
N GLY B 83 -10.90 -8.63 -9.91
CA GLY B 83 -10.30 -9.69 -9.13
C GLY B 83 -11.29 -10.79 -8.85
N SER B 84 -10.84 -11.75 -8.04
CA SER B 84 -11.73 -12.83 -7.61
C SER B 84 -11.18 -13.46 -6.34
N GLY B 85 -12.05 -13.73 -5.36
CA GLY B 85 -11.54 -14.37 -4.14
C GLY B 85 -10.58 -13.47 -3.37
N ARG B 86 -9.43 -14.00 -3.03
CA ARG B 86 -8.44 -13.17 -2.36
C ARG B 86 -7.63 -12.32 -3.32
N VAL B 87 -7.80 -12.47 -4.63
CA VAL B 87 -7.00 -11.74 -5.60
C VAL B 87 -7.75 -10.45 -5.83
N VAL B 88 -7.16 -9.31 -5.44
CA VAL B 88 -7.87 -8.04 -5.50
C VAL B 88 -7.10 -7.08 -6.41
N THR B 89 -7.80 -6.04 -6.92
CA THR B 89 -7.08 -4.96 -7.60
C THR B 89 -6.52 -3.96 -6.58
N GLY B 90 -5.44 -3.31 -6.97
CA GLY B 90 -4.80 -2.35 -6.10
C GLY B 90 -3.73 -1.61 -6.87
N LEU B 91 -2.98 -0.77 -6.19
CA LEU B 91 -1.93 0.01 -6.84
C LEU B 91 -0.57 -0.43 -6.33
N THR B 92 0.48 -0.28 -7.18
CA THR B 92 1.85 -0.47 -6.76
C THR B 92 2.29 0.71 -5.89
N PRO B 93 3.47 0.66 -5.30
CA PRO B 93 3.85 1.71 -4.34
C PRO B 93 4.02 3.06 -5.01
N SER B 94 3.87 4.11 -4.19
CA SER B 94 4.16 5.46 -4.68
C SER B 94 5.03 6.20 -3.70
N GLY B 95 5.79 7.13 -4.23
CA GLY B 95 6.60 8.00 -3.43
C GLY B 95 8.06 7.64 -3.56
N LYS B 96 8.83 8.17 -2.63
CA LYS B 96 10.27 8.15 -2.77
C LYS B 96 10.83 6.78 -2.41
N ALA B 97 11.80 6.32 -3.19
CA ALA B 97 12.43 5.04 -2.94
C ALA B 97 13.90 5.14 -3.33
N ALA B 98 14.72 4.38 -2.63
CA ALA B 98 16.11 4.14 -3.02
C ALA B 98 16.11 2.84 -3.82
N SER B 99 16.60 2.88 -5.06
CA SER B 99 16.38 1.76 -5.96
C SER B 99 17.67 1.34 -6.65
N SER B 100 17.79 0.06 -6.90
CA SER B 100 18.93 -0.44 -7.65
C SER B 100 18.52 -1.71 -8.37
N LEU B 101 19.05 -1.93 -9.56
CA LEU B 101 18.91 -3.24 -10.19
C LEU B 101 19.94 -4.20 -9.60
N TYR B 102 19.53 -5.46 -9.42
CA TYR B 102 20.38 -6.51 -8.86
C TYR B 102 20.36 -7.66 -9.87
N ILE B 103 21.53 -8.25 -10.17
CA ILE B 103 21.60 -9.41 -11.08
C ILE B 103 22.25 -10.55 -10.31
N GLY B 104 21.55 -11.69 -10.21
CA GLY B 104 22.06 -12.80 -9.43
C GLY B 104 20.94 -13.59 -8.79
N PRO B 105 21.30 -14.70 -8.12
CA PRO B 105 20.29 -15.52 -7.45
C PRO B 105 19.67 -14.76 -6.28
N TYR B 106 18.37 -15.03 -6.03
CA TYR B 106 17.69 -14.41 -4.88
C TYR B 106 18.42 -14.66 -3.56
N GLY B 107 19.06 -15.82 -3.42
CA GLY B 107 19.70 -16.16 -2.15
C GLY B 107 20.84 -15.23 -1.76
N GLU B 108 21.33 -14.41 -2.69
CA GLU B 108 22.41 -13.47 -2.42
C GLU B 108 21.94 -12.01 -2.48
N ILE B 109 20.63 -11.77 -2.54
CA ILE B 109 20.15 -10.42 -2.75
C ILE B 109 20.38 -9.53 -1.53
N GLU B 110 20.67 -10.11 -0.36
CA GLU B 110 20.95 -9.30 0.81
C GLU B 110 22.07 -8.29 0.55
N ALA B 111 22.97 -8.59 -0.39
CA ALA B 111 24.02 -7.64 -0.74
C ALA B 111 23.47 -6.32 -1.26
N VAL B 112 22.42 -6.35 -2.10
CA VAL B 112 21.92 -5.07 -2.60
C VAL B 112 21.15 -4.35 -1.51
N TYR B 113 20.48 -5.10 -0.62
CA TYR B 113 19.82 -4.45 0.53
C TYR B 113 20.84 -3.74 1.41
N ASP B 114 21.96 -4.41 1.71
CA ASP B 114 22.95 -3.76 2.57
C ASP B 114 23.48 -2.49 1.94
N ALA B 115 23.77 -2.53 0.63
CA ALA B 115 24.27 -1.37 -0.09
C ALA B 115 23.24 -0.25 -0.11
N LEU B 116 22.00 -0.59 -0.46
CA LEU B 116 20.96 0.43 -0.48
C LEU B 116 20.78 1.06 0.89
N MET B 117 20.87 0.27 1.97
CA MET B 117 20.65 0.87 3.27
C MET B 117 21.78 1.84 3.61
N LYS B 118 23.00 1.52 3.18
CA LYS B 118 24.12 2.43 3.38
C LYS B 118 23.90 3.72 2.61
N TRP B 119 23.52 3.60 1.33
CA TRP B 119 23.20 4.78 0.52
C TRP B 119 22.13 5.63 1.16
N VAL B 120 21.10 4.99 1.71
CA VAL B 120 19.99 5.72 2.32
C VAL B 120 20.48 6.56 3.49
N ASP B 121 21.27 5.93 4.37
CA ASP B 121 21.80 6.65 5.51
C ASP B 121 22.75 7.76 5.06
N ASP B 122 23.66 7.46 4.14
CA ASP B 122 24.59 8.48 3.67
C ASP B 122 23.86 9.68 3.09
N ASN B 123 22.70 9.47 2.45
CA ASN B 123 21.92 10.55 1.88
C ASN B 123 20.89 11.14 2.84
N GLY B 124 20.90 10.74 4.11
CA GLY B 124 20.06 11.36 5.13
C GLY B 124 18.58 11.02 5.09
N PHE B 125 18.21 9.87 4.51
CA PHE B 125 16.82 9.46 4.50
C PHE B 125 16.56 8.43 5.59
N ASP B 126 15.28 8.23 5.86
CA ASP B 126 14.82 7.19 6.77
C ASP B 126 14.09 6.13 5.96
N LEU B 127 14.17 4.89 6.43
CA LEU B 127 13.48 3.76 5.83
C LEU B 127 12.11 3.61 6.48
N SER B 128 11.10 3.27 5.66
CA SER B 128 9.79 2.99 6.22
C SER B 128 9.65 1.56 6.72
N GLY B 129 10.48 0.62 6.26
CA GLY B 129 10.27 -0.79 6.55
C GLY B 129 9.70 -1.58 5.38
N GLU B 130 9.27 -0.90 4.33
CA GLU B 130 8.72 -1.56 3.14
C GLU B 130 9.80 -1.73 2.06
N ALA B 131 9.91 -2.93 1.51
CA ALA B 131 10.80 -3.20 0.38
C ALA B 131 9.95 -3.64 -0.80
N TYR B 132 10.30 -3.19 -2.00
CA TYR B 132 9.57 -3.47 -3.22
C TYR B 132 10.50 -4.13 -4.23
N GLU B 133 10.18 -5.35 -4.68
CA GLU B 133 11.05 -6.07 -5.64
C GLU B 133 10.27 -6.31 -6.91
N ILE B 134 10.87 -6.01 -8.07
CA ILE B 134 10.25 -6.29 -9.36
C ILE B 134 11.05 -7.40 -10.02
N TYR B 135 10.37 -8.48 -10.43
CA TYR B 135 11.08 -9.67 -10.92
C TYR B 135 11.08 -9.56 -12.44
N LEU B 136 12.14 -8.94 -12.98
CA LEU B 136 12.19 -8.68 -14.43
C LEU B 136 12.28 -9.95 -15.24
N ASP B 137 12.90 -10.99 -14.68
CA ASP B 137 13.06 -12.28 -15.33
C ASP B 137 12.38 -13.38 -14.53
N ALA B 138 11.83 -14.36 -15.24
CA ALA B 138 11.24 -15.52 -14.55
C ALA B 138 12.34 -16.43 -14.01
N PRO B 139 12.38 -16.74 -12.71
CA PRO B 139 13.54 -17.48 -12.17
C PRO B 139 13.60 -18.90 -12.69
N ALA B 140 12.50 -19.49 -13.08
CA ALA B 140 12.54 -20.85 -13.58
C ALA B 140 13.20 -20.94 -14.95
N GLU B 141 13.21 -19.84 -15.72
CA GLU B 141 13.62 -19.82 -17.12
C GLU B 141 14.88 -19.02 -17.36
N THR B 142 15.58 -18.61 -16.30
CA THR B 142 16.68 -17.67 -16.43
C THR B 142 17.89 -18.17 -15.68
N ALA B 143 19.05 -18.11 -16.30
CA ALA B 143 20.28 -18.42 -15.59
C ALA B 143 20.43 -17.52 -14.37
N PRO B 144 20.76 -18.08 -13.19
CA PRO B 144 21.01 -17.25 -12.00
C PRO B 144 21.96 -16.09 -12.23
N ASP B 145 23.03 -16.28 -12.99
CA ASP B 145 23.96 -15.17 -13.18
C ASP B 145 23.44 -14.12 -14.15
N GLN B 146 22.24 -14.31 -14.70
CA GLN B 146 21.55 -13.30 -15.48
C GLN B 146 20.21 -12.87 -14.89
N LEU B 147 19.83 -13.37 -13.72
CA LEU B 147 18.51 -13.09 -13.16
C LEU B 147 18.43 -11.64 -12.63
N ARG B 148 17.55 -10.85 -13.23
CA ARG B 148 17.37 -9.44 -12.88
C ARG B 148 16.21 -9.23 -11.89
N THR B 149 16.49 -8.48 -10.83
CA THR B 149 15.45 -8.00 -9.91
C THR B 149 15.76 -6.55 -9.62
N ARG B 150 14.76 -5.69 -9.71
CA ARG B 150 14.93 -4.31 -9.26
C ARG B 150 14.45 -4.24 -7.82
N VAL B 151 15.31 -3.77 -6.92
CA VAL B 151 14.99 -3.65 -5.51
C VAL B 151 14.85 -2.18 -5.14
N SER B 152 13.75 -1.81 -4.47
CA SER B 152 13.56 -0.43 -4.04
C SER B 152 13.15 -0.43 -2.56
N LEU B 153 13.78 0.41 -1.76
CA LEU B 153 13.41 0.59 -0.37
C LEU B 153 12.65 1.89 -0.26
N MET B 154 11.46 1.83 0.31
CA MET B 154 10.65 3.02 0.41
C MET B 154 11.18 3.95 1.52
N LEU B 155 11.03 5.27 1.31
CA LEU B 155 11.72 6.26 2.13
C LEU B 155 10.73 7.27 2.69
N HIS B 156 11.12 7.88 3.80
CA HIS B 156 10.50 9.15 4.22
C HIS B 156 11.53 10.08 4.85
N GLU B 157 11.03 11.26 5.22
CA GLU B 157 11.81 12.35 5.79
C GLU B 157 11.25 12.80 7.14
C1 A1EI4 C . -14.52 3.87 9.62
C3 A1EI4 C . -15.78 1.80 10.18
C4 A1EI4 C . -14.33 2.88 11.86
C5 A1EI4 C . -14.52 1.81 12.74
C6 A1EI4 C . -14.00 1.87 14.04
C7 A1EI4 C . -13.27 2.97 14.47
C10 A1EI4 C . -11.73 1.20 17.09
C11 A1EI4 C . -11.86 0.10 17.91
C12 A1EI4 C . -13.10 -0.24 18.45
C13 A1EI4 C . -14.21 0.54 18.17
C14 A1EI4 C . -14.10 1.65 17.34
C15 A1EI4 C . -15.34 2.42 17.07
C18 A1EI4 C . -11.97 4.29 16.13
C19 A1EI4 C . -11.27 4.48 17.31
C20 A1EI4 C . -10.60 5.65 17.58
C21 A1EI4 C . -10.58 6.70 16.66
C23 A1EI4 C . -9.16 8.01 18.14
C24 A1EI4 C . -10.34 9.10 16.27
C25 A1EI4 C . -11.25 6.50 15.43
C26 A1EI4 C . -11.91 5.32 15.18
C28 A1EI4 C . -13.12 4.03 13.58
C29 A1EI4 C . -13.61 3.99 12.30
C8 A1EI4 C . -12.68 3.10 15.80
C9 A1EI4 C . -12.85 1.98 16.78
N2 A1EI4 C . -14.88 2.85 10.61
N22 A1EI4 C . -9.93 7.87 16.92
O16 A1EI4 C . -15.29 3.68 17.41
O17 A1EI4 C . -16.33 1.91 16.54
O27 A1EI4 C . -12.46 5.19 13.93
C1 GOL D . 0.98 1.96 1.65
O1 GOL D . 0.23 1.93 2.85
C2 GOL D . 2.32 1.27 1.79
O2 GOL D . 3.23 1.67 0.77
C3 GOL D . 2.82 1.36 3.24
O3 GOL D . 3.72 2.43 3.40
C1 GOL E . -16.30 3.74 3.22
O1 GOL E . -16.21 4.83 2.30
C2 GOL E . -16.12 4.12 4.67
O2 GOL E . -16.58 5.38 5.13
C3 GOL E . -16.11 2.99 5.71
O3 GOL E . -16.82 3.51 6.82
C1 GOL F . 2.09 4.18 -0.90
O1 GOL F . 3.30 3.53 -1.29
C2 GOL F . 2.29 5.64 -0.50
O2 GOL F . 1.29 6.49 -1.00
C3 GOL F . 2.53 5.84 0.99
O3 GOL F . 3.61 6.76 1.19
C1 GOL G . -0.50 0.57 -2.17
O1 GOL G . -0.21 0.61 -0.83
C2 GOL G . -0.75 2.03 -2.46
O2 GOL G . -2.05 2.10 -3.02
C3 GOL G . 0.41 2.54 -3.27
O3 GOL G . 0.07 3.66 -4.04
C1 A1EI4 H . 10.82 -14.18 -6.52
C3 A1EI4 H . 10.23 -16.44 -5.67
C4 A1EI4 H . 9.50 -15.73 -7.91
C5 A1EI4 H . 8.83 -16.95 -8.09
C6 A1EI4 H . 8.18 -17.24 -9.26
C7 A1EI4 H . 8.18 -16.33 -10.32
C10 A1EI4 H . 5.40 -17.82 -11.82
C11 A1EI4 H . 4.67 -18.99 -11.94
C12 A1EI4 H . 5.32 -20.20 -12.05
C13 A1EI4 H . 6.70 -20.27 -12.03
C14 A1EI4 H . 7.46 -19.11 -11.89
C15 A1EI4 H . 8.94 -19.29 -11.82
C18 A1EI4 H . 7.63 -15.60 -12.59
C19 A1EI4 H . 6.96 -15.71 -13.82
C20 A1EI4 H . 7.04 -14.73 -14.78
C21 A1EI4 H . 7.84 -13.60 -14.58
C23 A1EI4 H . 7.19 -12.74 -16.78
C24 A1EI4 H . 9.17 -11.81 -15.64
C25 A1EI4 H . 8.50 -13.46 -13.34
C26 A1EI4 H . 8.37 -14.44 -12.37
C28 A1EI4 H . 8.86 -15.13 -10.14
C29 A1EI4 H . 9.50 -14.82 -8.95
C8 A1EI4 H . 7.54 -16.57 -11.61
C9 A1EI4 H . 6.81 -17.86 -11.80
N2 A1EI4 H . 10.14 -15.45 -6.74
N22 A1EI4 H . 7.99 -12.65 -15.57
O16 A1EI4 H . 9.60 -18.67 -12.78
O17 A1EI4 H . 9.49 -19.99 -10.97
O27 A1EI4 H . 8.99 -14.19 -11.16
C1 GOL I . 12.45 -13.42 -2.51
O1 GOL I . 12.91 -14.25 -3.58
C2 GOL I . 13.59 -12.55 -2.03
O2 GOL I . 14.16 -11.99 -3.20
C3 GOL I . 13.09 -11.42 -1.11
O3 GOL I . 14.19 -10.66 -0.58
#